data_8BL0
#
_entry.id   8BL0
#
_cell.length_a   91.563
_cell.length_b   91.563
_cell.length_c   142.670
_cell.angle_alpha   90.000
_cell.angle_beta   90.000
_cell.angle_gamma   120.000
#
_symmetry.space_group_name_H-M   'P 63'
#
loop_
_entity.id
_entity.type
_entity.pdbx_description
1 polymer 'NAD-dependent protein deacetylase sirtuin-6'
2 non-polymer '[(2R,3S,4R,5R)-5-(6-AMINOPURIN-9-YL)-3,4-DIHYDROXY-OXOLAN-2-YL]METHYL [HYDROXY-[[(2R,3S,4R,5S)-3,4,5-TRIHYDROXYOXOLAN-2-YL]METHOXY]PHOSPHORYL] HYDROGEN PHOSPHATE'
3 non-polymer 'ZINC ION'
4 non-polymer 3-[4-[[5-(2-fluorophenyl)thiophen-2-yl]methyl]piperazin-1-yl]sulfonylbenzenesulfonamide
5 non-polymer 'SULFATE ION'
6 non-polymer 'CHLORIDE ION'
7 non-polymer DI(HYDROXYETHYL)ETHER
8 water water
#
_entity_poly.entity_id   1
_entity_poly.type   'polypeptide(L)'
_entity_poly.pdbx_seq_one_letter_code
;GIDPFTADKGKCGLPEIFDPPEELERKVWELARLVWQSSSVVFHTGAGISTASGIPDFRGPHGVWTMEERGLAPKFDTTF
ESARPTQTHMALVQLERVGLLRFLVSQNVDGLHVRSGFPRDKLAELHGNMFVEECAKCKTQYVRDTVVGTMGLKATGRLC
TVAKARGLRACRGELRDTILDWEDSLPDRDLALADEASRNADLSITLGTSLQIRPSGNLPLATKRRGGRLVIVNLQPTKH
DRHADLRIHGYVDEVMTRLMKHLGLEIPAWDGPRVLERALPPLPRPPTPKLEPKEESPTRIN
;
_entity_poly.pdbx_strand_id   A,B
#
loop_
_chem_comp.id
_chem_comp.type
_chem_comp.name
_chem_comp.formula
AR6 non-polymer '[(2R,3S,4R,5R)-5-(6-AMINOPURIN-9-YL)-3,4-DIHYDROXY-OXOLAN-2-YL]METHYL [HYDROXY-[[(2R,3S,4R,5S)-3,4,5-TRIHYDROXYOXOLAN-2-YL]METHOXY]PHOSPHORYL] HYDROGEN PHOSPHATE' 'C15 H23 N5 O14 P2'
CL non-polymer 'CHLORIDE ION' 'Cl -1'
PEG non-polymer DI(HYDROXYETHYL)ETHER 'C4 H10 O3'
QTI non-polymer 3-[4-[[5-(2-fluorophenyl)thiophen-2-yl]methyl]piperazin-1-yl]sulfonylbenzenesulfonamide 'C21 H22 F N3 O4 S3'
SO4 non-polymer 'SULFATE ION' 'O4 S -2'
ZN non-polymer 'ZINC ION' 'Zn 2'
#
# COMPACT_ATOMS: atom_id res chain seq x y z
N PRO A 4 -29.17 -1.72 13.31
CA PRO A 4 -28.04 -0.92 12.81
C PRO A 4 -27.00 -0.67 13.90
N PHE A 5 -27.47 -0.22 15.07
CA PHE A 5 -26.66 -0.14 16.31
C PHE A 5 -26.45 -1.57 16.82
N THR A 6 -27.46 -2.43 16.69
CA THR A 6 -27.47 -3.84 17.18
C THR A 6 -27.14 -4.83 16.05
N ALA A 7 -26.89 -4.36 14.82
CA ALA A 7 -26.49 -5.23 13.68
C ALA A 7 -25.45 -6.26 14.14
N ASP A 8 -25.64 -7.54 13.82
CA ASP A 8 -24.66 -8.62 14.12
C ASP A 8 -23.42 -8.41 13.26
N LYS A 9 -22.27 -8.15 13.89
CA LYS A 9 -21.03 -7.82 13.16
C LYS A 9 -20.13 -9.05 13.12
N GLY A 10 -20.66 -10.22 13.53
CA GLY A 10 -20.02 -11.54 13.40
C GLY A 10 -18.86 -11.67 14.35
N LYS A 11 -17.96 -12.62 14.07
CA LYS A 11 -16.78 -12.93 14.91
C LYS A 11 -15.65 -12.00 14.50
N CYS A 12 -15.18 -11.19 15.45
CA CYS A 12 -14.19 -10.10 15.23
C CYS A 12 -12.93 -10.42 16.04
N GLY A 13 -11.76 -10.19 15.46
CA GLY A 13 -10.47 -10.24 16.16
C GLY A 13 -9.98 -11.65 16.46
N LEU A 14 -10.42 -12.67 15.71
CA LEU A 14 -9.82 -14.03 15.81
C LEU A 14 -8.33 -13.98 15.54
N PRO A 15 -7.57 -14.91 16.14
CA PRO A 15 -6.14 -14.96 15.99
C PRO A 15 -5.81 -15.30 14.52
N GLU A 16 -4.73 -14.70 14.06
CA GLU A 16 -4.15 -14.91 12.71
C GLU A 16 -3.35 -16.21 12.73
N ILE A 17 -3.41 -16.94 11.62
CA ILE A 17 -2.62 -18.17 11.35
C ILE A 17 -1.56 -17.83 10.28
N PHE A 18 -0.33 -18.27 10.47
CA PHE A 18 0.75 -18.15 9.47
C PHE A 18 1.27 -19.54 9.11
N ASP A 19 1.03 -19.99 7.87
CA ASP A 19 1.68 -21.20 7.33
C ASP A 19 3.19 -20.99 7.37
N PRO A 20 4.00 -21.96 7.83
CA PRO A 20 5.46 -21.82 7.74
C PRO A 20 5.90 -21.81 6.28
N PRO A 21 7.10 -21.24 5.97
CA PRO A 21 7.53 -21.01 4.59
C PRO A 21 7.45 -22.21 3.63
N GLU A 22 7.89 -23.40 4.03
CA GLU A 22 7.91 -24.59 3.13
C GLU A 22 6.46 -25.01 2.83
N GLU A 23 5.59 -24.94 3.83
CA GLU A 23 4.16 -25.29 3.66
C GLU A 23 3.50 -24.25 2.75
N LEU A 24 3.84 -22.99 2.96
CA LEU A 24 3.27 -21.87 2.15
C LEU A 24 3.72 -22.03 0.69
N GLU A 25 5.02 -22.26 0.45
CA GLU A 25 5.56 -22.49 -0.92
C GLU A 25 4.82 -23.66 -1.57
N ARG A 26 4.66 -24.77 -0.86
CA ARG A 26 3.99 -25.98 -1.42
C ARG A 26 2.54 -25.64 -1.76
N LYS A 27 1.83 -24.91 -0.90
CA LYS A 27 0.40 -24.60 -1.14
C LYS A 27 0.25 -23.64 -2.35
N VAL A 28 1.16 -22.69 -2.54
CA VAL A 28 1.08 -21.73 -3.68
C VAL A 28 1.32 -22.50 -5.00
N TRP A 29 2.24 -23.46 -4.98
CA TRP A 29 2.45 -24.38 -6.14
C TRP A 29 1.15 -25.16 -6.44
N GLU A 30 0.47 -25.66 -5.41
CA GLU A 30 -0.80 -26.42 -5.61
C GLU A 30 -1.90 -25.49 -6.14
N LEU A 31 -1.91 -24.22 -5.71
CA LEU A 31 -2.83 -23.19 -6.26
C LEU A 31 -2.52 -22.97 -7.75
N ALA A 32 -1.23 -22.84 -8.13
CA ALA A 32 -0.80 -22.75 -9.56
C ALA A 32 -1.34 -23.96 -10.34
N ARG A 33 -1.12 -25.18 -9.84
CA ARG A 33 -1.61 -26.44 -10.45
C ARG A 33 -3.13 -26.34 -10.64
N LEU A 34 -3.88 -25.90 -9.64
CA LEU A 34 -5.37 -25.77 -9.79
C LEU A 34 -5.73 -24.73 -10.85
N VAL A 35 -5.02 -23.60 -10.91
CA VAL A 35 -5.33 -22.55 -11.93
C VAL A 35 -5.11 -23.15 -13.33
N TRP A 36 -4.00 -23.88 -13.53
CA TRP A 36 -3.61 -24.49 -14.83
C TRP A 36 -4.66 -25.50 -15.31
N GLN A 37 -5.25 -26.25 -14.37
CA GLN A 37 -6.19 -27.35 -14.66
C GLN A 37 -7.63 -26.86 -14.83
N SER A 38 -7.95 -25.65 -14.37
CA SER A 38 -9.36 -25.17 -14.31
C SER A 38 -9.75 -24.50 -15.61
N SER A 39 -10.98 -24.73 -16.06
CA SER A 39 -11.60 -24.10 -17.25
C SER A 39 -12.18 -22.73 -16.88
N SER A 40 -12.77 -22.58 -15.70
CA SER A 40 -13.49 -21.35 -15.29
C SER A 40 -13.14 -20.97 -13.86
N VAL A 41 -12.34 -19.90 -13.69
CA VAL A 41 -11.80 -19.48 -12.37
C VAL A 41 -12.47 -18.17 -11.94
N VAL A 42 -13.07 -18.17 -10.75
CA VAL A 42 -13.76 -17.00 -10.14
C VAL A 42 -13.02 -16.66 -8.85
N PHE A 43 -12.69 -15.39 -8.73
CA PHE A 43 -12.04 -14.80 -7.52
C PHE A 43 -13.11 -14.03 -6.75
N HIS A 44 -13.03 -14.18 -5.42
CA HIS A 44 -13.91 -13.53 -4.43
C HIS A 44 -13.04 -12.69 -3.51
N THR A 45 -13.17 -11.37 -3.52
CA THR A 45 -12.31 -10.47 -2.69
C THR A 45 -13.10 -9.76 -1.59
N GLY A 46 -12.44 -9.59 -0.45
CA GLY A 46 -12.94 -8.81 0.69
C GLY A 46 -11.87 -7.83 1.13
N ALA A 47 -12.08 -7.25 2.31
CA ALA A 47 -11.37 -6.07 2.83
C ALA A 47 -9.88 -6.39 3.00
N GLY A 48 -9.52 -7.66 3.15
CA GLY A 48 -8.14 -8.10 3.37
C GLY A 48 -7.23 -7.78 2.19
N ILE A 49 -7.76 -7.63 0.97
CA ILE A 49 -6.91 -7.27 -0.21
C ILE A 49 -6.60 -5.77 -0.26
N SER A 50 -7.15 -4.94 0.62
CA SER A 50 -6.88 -3.48 0.59
C SER A 50 -6.10 -3.04 1.84
N THR A 51 -5.78 -3.98 2.75
CA THR A 51 -5.09 -3.61 4.02
C THR A 51 -3.66 -3.11 3.70
N ALA A 52 -2.99 -3.70 2.72
CA ALA A 52 -1.61 -3.33 2.30
C ALA A 52 -1.59 -2.00 1.52
N SER A 53 -2.73 -1.37 1.23
CA SER A 53 -2.84 0.03 0.73
C SER A 53 -3.27 1.03 1.82
N GLY A 54 -3.40 0.61 3.09
CA GLY A 54 -3.68 1.50 4.23
C GLY A 54 -5.13 1.55 4.65
N ILE A 55 -6.01 0.75 4.03
CA ILE A 55 -7.45 0.69 4.38
C ILE A 55 -7.66 -0.48 5.33
N PRO A 56 -8.10 -0.22 6.58
CA PRO A 56 -8.30 -1.30 7.55
C PRO A 56 -9.39 -2.27 7.05
N ASP A 57 -9.30 -3.54 7.44
CA ASP A 57 -10.40 -4.51 7.19
C ASP A 57 -11.50 -4.32 8.26
N PHE A 58 -12.50 -5.19 8.30
CA PHE A 58 -13.62 -5.11 9.28
C PHE A 58 -13.35 -5.94 10.54
N ARG A 59 -12.80 -7.15 10.41
CA ARG A 59 -12.83 -8.17 11.49
C ARG A 59 -11.43 -8.70 11.79
N GLY A 60 -10.40 -8.15 11.14
CA GLY A 60 -9.00 -8.45 11.49
C GLY A 60 -8.64 -7.90 12.88
N PRO A 61 -7.41 -8.17 13.38
CA PRO A 61 -7.05 -7.69 14.72
C PRO A 61 -7.29 -6.19 14.93
N HIS A 62 -7.02 -5.34 13.92
CA HIS A 62 -7.27 -3.87 13.96
C HIS A 62 -8.39 -3.46 12.99
N GLY A 63 -9.30 -4.38 12.69
CA GLY A 63 -10.51 -4.11 11.89
C GLY A 63 -11.43 -3.05 12.48
N VAL A 64 -12.24 -2.44 11.61
CA VAL A 64 -13.25 -1.41 11.98
C VAL A 64 -14.17 -1.97 13.09
N TRP A 65 -14.81 -3.12 12.89
CA TRP A 65 -15.71 -3.71 13.91
C TRP A 65 -14.92 -4.21 15.14
N THR A 66 -13.78 -4.87 14.93
CA THR A 66 -12.92 -5.35 16.03
C THR A 66 -12.59 -4.18 16.98
N MET A 67 -12.08 -3.07 16.43
CA MET A 67 -11.64 -1.90 17.21
C MET A 67 -12.85 -1.31 17.95
N GLU A 68 -13.99 -1.14 17.27
CA GLU A 68 -15.27 -0.67 17.84
C GLU A 68 -15.64 -1.51 19.07
N GLU A 69 -15.54 -2.85 18.97
CA GLU A 69 -15.85 -3.83 20.06
C GLU A 69 -14.95 -3.58 21.26
N ARG A 70 -13.70 -3.15 21.04
CA ARG A 70 -12.71 -2.93 22.13
C ARG A 70 -12.65 -1.45 22.50
N GLY A 71 -13.64 -0.66 22.07
CA GLY A 71 -13.72 0.79 22.33
C GLY A 71 -12.54 1.59 21.75
N LEU A 72 -11.91 1.11 20.68
CA LEU A 72 -10.79 1.81 19.99
C LEU A 72 -11.27 2.22 18.60
N ALA A 73 -10.44 2.95 17.85
CA ALA A 73 -10.83 3.49 16.53
C ALA A 73 -10.00 2.76 15.49
N PRO A 74 -10.53 2.51 14.28
CA PRO A 74 -9.73 1.98 13.18
C PRO A 74 -8.81 3.10 12.68
N LYS A 75 -7.75 2.74 11.98
CA LYS A 75 -6.75 3.70 11.48
C LYS A 75 -6.64 3.54 9.95
N PHE A 76 -6.76 4.67 9.24
CA PHE A 76 -6.52 4.76 7.78
C PHE A 76 -5.15 5.39 7.56
N ASP A 77 -4.34 4.80 6.67
CA ASP A 77 -3.02 5.35 6.30
C ASP A 77 -3.16 6.01 4.92
N THR A 78 -4.38 6.10 4.42
CA THR A 78 -4.69 6.73 3.12
C THR A 78 -6.09 7.34 3.16
N THR A 79 -6.37 8.24 2.23
CA THR A 79 -7.78 8.60 1.86
C THR A 79 -8.22 7.59 0.83
N PHE A 80 -9.53 7.46 0.62
CA PHE A 80 -9.99 6.54 -0.44
C PHE A 80 -9.50 7.06 -1.79
N GLU A 81 -9.38 8.38 -1.96
CA GLU A 81 -8.98 9.01 -3.23
C GLU A 81 -7.49 8.79 -3.50
N SER A 82 -6.66 8.76 -2.46
CA SER A 82 -5.18 8.61 -2.57
C SER A 82 -4.75 7.13 -2.56
N ALA A 83 -5.67 6.21 -2.26
CA ALA A 83 -5.39 4.76 -2.17
C ALA A 83 -4.89 4.26 -3.54
N ARG A 84 -3.83 3.45 -3.54
CA ARG A 84 -3.38 2.74 -4.76
C ARG A 84 -3.79 1.29 -4.70
N PRO A 85 -4.14 0.70 -5.86
CA PRO A 85 -4.35 -0.74 -5.94
C PRO A 85 -3.09 -1.48 -5.48
N THR A 86 -3.31 -2.53 -4.70
CA THR A 86 -2.24 -3.46 -4.23
C THR A 86 -1.74 -4.33 -5.40
N GLN A 87 -0.63 -5.00 -5.18
CA GLN A 87 -0.06 -6.04 -6.07
C GLN A 87 -1.14 -7.09 -6.37
N THR A 88 -1.97 -7.40 -5.38
CA THR A 88 -3.09 -8.37 -5.51
C THR A 88 -4.11 -7.81 -6.50
N HIS A 89 -4.48 -6.54 -6.35
CA HIS A 89 -5.42 -5.85 -7.30
C HIS A 89 -4.87 -5.97 -8.73
N MET A 90 -3.61 -5.59 -8.92
CA MET A 90 -2.99 -5.52 -10.28
C MET A 90 -2.76 -6.95 -10.82
N ALA A 91 -2.44 -7.95 -9.98
CA ALA A 91 -2.38 -9.38 -10.39
C ALA A 91 -3.72 -9.76 -11.00
N LEU A 92 -4.82 -9.38 -10.36
CA LEU A 92 -6.19 -9.76 -10.80
C LEU A 92 -6.49 -9.12 -12.16
N VAL A 93 -6.00 -7.91 -12.39
CA VAL A 93 -6.08 -7.20 -13.71
C VAL A 93 -5.47 -8.12 -14.77
N GLN A 94 -4.20 -8.52 -14.57
CA GLN A 94 -3.45 -9.34 -15.54
C GLN A 94 -4.10 -10.70 -15.74
N LEU A 95 -4.61 -11.35 -14.69
CA LEU A 95 -5.18 -12.73 -14.78
C LEU A 95 -6.44 -12.64 -15.64
N GLU A 96 -7.16 -11.54 -15.51
CA GLU A 96 -8.32 -11.30 -16.41
C GLU A 96 -7.80 -11.14 -17.86
N ARG A 97 -6.73 -10.36 -18.09
CA ARG A 97 -6.31 -9.96 -19.47
C ARG A 97 -5.86 -11.20 -20.24
N VAL A 98 -5.28 -12.21 -19.56
CA VAL A 98 -4.70 -13.41 -20.24
C VAL A 98 -5.69 -14.56 -20.18
N GLY A 99 -6.90 -14.32 -19.69
CA GLY A 99 -8.04 -15.26 -19.73
C GLY A 99 -8.01 -16.30 -18.61
N LEU A 100 -7.24 -16.09 -17.54
CA LEU A 100 -7.17 -17.07 -16.41
C LEU A 100 -8.18 -16.74 -15.30
N LEU A 101 -8.83 -15.59 -15.37
CA LEU A 101 -9.92 -15.20 -14.46
C LEU A 101 -11.16 -14.97 -15.32
N ARG A 102 -12.26 -15.67 -15.02
CA ARG A 102 -13.55 -15.54 -15.76
C ARG A 102 -14.37 -14.39 -15.16
N PHE A 103 -14.40 -14.26 -13.82
CA PHE A 103 -15.23 -13.25 -13.13
C PHE A 103 -14.63 -12.93 -11.74
N LEU A 104 -14.94 -11.72 -11.26
CA LEU A 104 -14.44 -11.18 -9.99
C LEU A 104 -15.62 -10.68 -9.17
N VAL A 105 -15.79 -11.27 -7.99
CA VAL A 105 -16.86 -10.91 -7.02
C VAL A 105 -16.21 -10.27 -5.80
N SER A 106 -16.55 -9.03 -5.52
CA SER A 106 -15.99 -8.24 -4.41
C SER A 106 -17.06 -7.68 -3.47
N GLN A 107 -16.76 -7.75 -2.18
CA GLN A 107 -17.55 -7.14 -1.10
C GLN A 107 -16.99 -5.73 -0.80
N ASN A 108 -15.92 -5.31 -1.48
CA ASN A 108 -15.22 -4.03 -1.19
C ASN A 108 -15.96 -2.85 -1.84
N VAL A 109 -16.15 -1.80 -1.05
CA VAL A 109 -16.76 -0.52 -1.50
C VAL A 109 -15.66 0.51 -1.77
N ASP A 110 -14.39 0.13 -1.62
CA ASP A 110 -13.23 1.06 -1.74
C ASP A 110 -12.97 1.52 -3.18
N GLY A 111 -13.67 0.98 -4.20
CA GLY A 111 -13.54 1.45 -5.60
C GLY A 111 -12.22 1.04 -6.26
N LEU A 112 -11.37 0.23 -5.63
CA LEU A 112 -9.99 0.01 -6.14
C LEU A 112 -9.99 -0.96 -7.33
N HIS A 113 -10.91 -1.92 -7.39
CA HIS A 113 -11.00 -2.82 -8.56
C HIS A 113 -11.28 -1.97 -9.81
N VAL A 114 -12.29 -1.11 -9.76
CA VAL A 114 -12.65 -0.20 -10.89
C VAL A 114 -11.43 0.68 -11.21
N ARG A 115 -10.83 1.32 -10.21
CA ARG A 115 -9.73 2.29 -10.44
C ARG A 115 -8.45 1.61 -10.96
N SER A 116 -8.27 0.32 -10.71
CA SER A 116 -7.11 -0.51 -11.19
C SER A 116 -7.22 -0.73 -12.70
N GLY A 117 -8.38 -0.51 -13.30
CA GLY A 117 -8.62 -0.69 -14.75
C GLY A 117 -9.28 -2.03 -15.01
N PHE A 118 -9.79 -2.69 -13.97
CA PHE A 118 -10.40 -4.03 -14.09
C PHE A 118 -11.72 -3.83 -14.82
N PRO A 119 -12.09 -4.66 -15.81
CA PRO A 119 -13.31 -4.41 -16.59
C PRO A 119 -14.61 -4.67 -15.82
N ARG A 120 -15.44 -3.64 -15.76
CA ARG A 120 -16.71 -3.62 -14.98
C ARG A 120 -17.63 -4.76 -15.43
N ASP A 121 -17.57 -5.19 -16.68
CA ASP A 121 -18.47 -6.26 -17.16
C ASP A 121 -17.97 -7.64 -16.68
N LYS A 122 -16.83 -7.72 -16.00
CA LYS A 122 -16.41 -8.98 -15.32
C LYS A 122 -16.32 -8.79 -13.80
N LEU A 123 -16.93 -7.73 -13.28
CA LEU A 123 -16.88 -7.40 -11.85
C LEU A 123 -18.30 -7.30 -11.29
N ALA A 124 -18.58 -8.00 -10.18
CA ALA A 124 -19.71 -7.74 -9.26
C ALA A 124 -19.23 -6.99 -8.01
N GLU A 125 -19.79 -5.81 -7.77
CA GLU A 125 -19.57 -5.00 -6.57
C GLU A 125 -20.78 -5.18 -5.66
N LEU A 126 -20.78 -6.26 -4.88
CA LEU A 126 -22.00 -6.74 -4.17
C LEU A 126 -22.47 -5.74 -3.12
N HIS A 127 -21.58 -4.91 -2.54
CA HIS A 127 -21.88 -4.01 -1.39
C HIS A 127 -21.78 -2.54 -1.83
N GLY A 128 -21.48 -2.32 -3.11
CA GLY A 128 -21.44 -0.97 -3.70
C GLY A 128 -20.04 -0.48 -3.94
N ASN A 129 -19.94 0.77 -4.38
CA ASN A 129 -18.67 1.44 -4.73
C ASN A 129 -18.83 2.90 -4.32
N MET A 130 -17.96 3.37 -3.44
CA MET A 130 -18.11 4.71 -2.85
C MET A 130 -17.84 5.81 -3.88
N PHE A 131 -17.27 5.48 -5.06
CA PHE A 131 -17.06 6.46 -6.15
C PHE A 131 -18.22 6.42 -7.13
N VAL A 132 -19.20 5.56 -6.92
CA VAL A 132 -20.27 5.34 -7.93
C VAL A 132 -21.60 5.86 -7.39
N GLU A 133 -22.24 6.75 -8.17
CA GLU A 133 -23.64 7.17 -7.90
C GLU A 133 -24.48 6.72 -9.09
N GLU A 134 -25.75 6.44 -8.83
CA GLU A 134 -26.73 5.83 -9.74
C GLU A 134 -28.00 6.69 -9.77
N CYS A 135 -28.55 6.96 -10.95
CA CYS A 135 -29.81 7.74 -11.12
C CYS A 135 -30.97 6.84 -10.65
N ALA A 136 -31.83 7.35 -9.77
CA ALA A 136 -33.03 6.63 -9.30
C ALA A 136 -34.02 6.38 -10.45
N LYS A 137 -34.00 7.22 -11.50
CA LYS A 137 -34.96 7.12 -12.64
C LYS A 137 -34.42 6.15 -13.69
N CYS A 138 -33.32 6.51 -14.36
CA CYS A 138 -32.81 5.77 -15.54
C CYS A 138 -31.78 4.71 -15.13
N LYS A 139 -31.36 4.65 -13.86
CA LYS A 139 -30.39 3.64 -13.33
C LYS A 139 -29.00 3.85 -13.94
N THR A 140 -28.75 4.95 -14.65
CA THR A 140 -27.41 5.25 -15.21
C THR A 140 -26.44 5.47 -14.04
N GLN A 141 -25.27 4.84 -14.11
CA GLN A 141 -24.20 4.92 -13.08
C GLN A 141 -23.14 5.92 -13.54
N TYR A 142 -22.59 6.67 -12.59
CA TYR A 142 -21.50 7.63 -12.79
C TYR A 142 -20.36 7.20 -11.90
N VAL A 143 -19.19 6.97 -12.50
CA VAL A 143 -17.95 6.60 -11.78
C VAL A 143 -17.18 7.91 -11.59
N ARG A 144 -17.18 8.46 -10.38
CA ARG A 144 -16.59 9.78 -10.07
C ARG A 144 -15.13 9.60 -9.64
N ASP A 145 -14.34 10.67 -9.73
CA ASP A 145 -12.91 10.75 -9.31
C ASP A 145 -12.79 11.02 -7.80
N THR A 146 -13.89 11.33 -7.12
CA THR A 146 -13.90 11.54 -5.65
C THR A 146 -15.04 10.71 -5.05
N VAL A 147 -14.97 10.45 -3.75
CA VAL A 147 -15.99 9.60 -3.08
C VAL A 147 -17.31 10.35 -3.13
N VAL A 148 -18.39 9.63 -3.43
CA VAL A 148 -19.78 10.15 -3.32
C VAL A 148 -20.04 10.33 -1.82
N GLY A 149 -20.35 11.54 -1.37
CA GLY A 149 -20.31 11.92 0.04
C GLY A 149 -21.40 11.32 0.93
N THR A 150 -22.24 10.40 0.43
CA THR A 150 -23.32 9.76 1.24
C THR A 150 -23.17 8.22 1.23
N MET A 151 -23.82 7.55 2.18
CA MET A 151 -23.92 6.07 2.26
C MET A 151 -25.36 5.72 2.61
N GLY A 152 -25.81 4.53 2.22
CA GLY A 152 -27.15 4.00 2.53
C GLY A 152 -28.15 4.29 1.42
N LEU A 153 -27.67 4.50 0.19
CA LEU A 153 -28.50 4.69 -1.02
C LEU A 153 -29.29 6.02 -0.92
N LYS A 154 -28.63 7.06 -0.40
CA LYS A 154 -29.22 8.42 -0.18
C LYS A 154 -28.96 9.33 -1.40
N ALA A 155 -29.76 10.39 -1.54
CA ALA A 155 -29.55 11.48 -2.51
C ALA A 155 -28.19 12.12 -2.22
N THR A 156 -27.36 12.29 -3.25
CA THR A 156 -26.00 12.86 -3.13
C THR A 156 -26.07 14.39 -3.28
N GLY A 157 -27.17 14.89 -3.86
CA GLY A 157 -27.38 16.31 -4.17
C GLY A 157 -27.20 16.60 -5.65
N ARG A 158 -26.60 15.68 -6.42
CA ARG A 158 -26.38 15.88 -7.88
C ARG A 158 -27.55 15.27 -8.65
N LEU A 159 -27.76 15.74 -9.88
CA LEU A 159 -28.85 15.29 -10.80
C LEU A 159 -28.25 14.63 -12.03
N CYS A 160 -29.05 13.76 -12.66
CA CYS A 160 -28.67 12.99 -13.85
C CYS A 160 -28.51 13.92 -15.07
N THR A 161 -27.50 13.68 -15.89
CA THR A 161 -27.13 14.53 -17.06
C THR A 161 -27.36 13.75 -18.36
N VAL A 162 -28.00 12.59 -18.30
CA VAL A 162 -28.36 11.82 -19.53
C VAL A 162 -29.41 12.64 -20.30
N ALA A 163 -29.30 12.66 -21.63
CA ALA A 163 -30.07 13.53 -22.56
C ALA A 163 -31.58 13.30 -22.37
N CYS A 171 -32.76 14.05 -18.13
CA CYS A 171 -33.40 13.13 -17.16
C CYS A 171 -33.54 13.85 -15.81
N ARG A 172 -32.48 14.54 -15.38
CA ARG A 172 -32.44 15.30 -14.12
C ARG A 172 -32.96 14.43 -12.97
N GLY A 173 -32.81 13.10 -13.06
CA GLY A 173 -33.12 12.16 -11.97
C GLY A 173 -32.23 12.39 -10.75
N GLU A 174 -32.70 11.96 -9.58
CA GLU A 174 -31.96 12.02 -8.29
C GLU A 174 -30.78 11.02 -8.33
N LEU A 175 -29.54 11.50 -8.29
CA LEU A 175 -28.34 10.60 -8.12
C LEU A 175 -28.28 10.16 -6.66
N ARG A 176 -28.08 8.86 -6.43
CA ARG A 176 -27.90 8.26 -5.08
C ARG A 176 -26.58 7.50 -5.02
N ASP A 177 -25.98 7.40 -3.83
CA ASP A 177 -24.84 6.49 -3.58
C ASP A 177 -25.32 5.04 -3.78
N THR A 178 -24.38 4.10 -3.90
CA THR A 178 -24.65 2.66 -4.10
C THR A 178 -24.20 1.87 -2.86
N ILE A 179 -23.88 2.56 -1.76
CA ILE A 179 -23.39 1.89 -0.52
C ILE A 179 -24.59 1.33 0.24
N LEU A 180 -24.73 0.00 0.22
CA LEU A 180 -25.74 -0.76 1.00
C LEU A 180 -25.61 -0.45 2.49
N ASP A 181 -26.75 -0.23 3.17
CA ASP A 181 -26.86 -0.31 4.65
C ASP A 181 -27.11 -1.77 5.05
N TRP A 182 -26.97 -2.09 6.34
CA TRP A 182 -27.18 -3.43 6.94
C TRP A 182 -28.45 -4.10 6.41
N GLU A 183 -29.56 -3.37 6.26
CA GLU A 183 -30.89 -3.95 5.90
C GLU A 183 -31.09 -4.03 4.38
N ASP A 184 -30.25 -3.37 3.58
CA ASP A 184 -30.42 -3.27 2.11
C ASP A 184 -29.99 -4.59 1.45
N SER A 185 -30.87 -5.18 0.65
CA SER A 185 -30.55 -6.38 -0.18
C SER A 185 -29.62 -5.95 -1.34
N LEU A 186 -28.89 -6.91 -1.90
CA LEU A 186 -27.78 -6.66 -2.84
C LEU A 186 -28.33 -6.21 -4.18
N PRO A 187 -27.55 -5.47 -4.99
CA PRO A 187 -27.96 -5.12 -6.35
C PRO A 187 -28.23 -6.42 -7.13
N ASP A 188 -29.42 -6.53 -7.73
CA ASP A 188 -29.95 -7.79 -8.32
C ASP A 188 -29.05 -8.27 -9.46
N ARG A 189 -28.63 -7.36 -10.33
CA ARG A 189 -27.78 -7.66 -11.51
C ARG A 189 -26.42 -8.22 -11.06
N ASP A 190 -25.76 -7.56 -10.10
CA ASP A 190 -24.43 -7.95 -9.62
C ASP A 190 -24.49 -9.33 -8.96
N LEU A 191 -25.54 -9.57 -8.15
CA LEU A 191 -25.72 -10.85 -7.40
C LEU A 191 -26.01 -11.99 -8.38
N ALA A 192 -26.89 -11.74 -9.35
CA ALA A 192 -27.27 -12.72 -10.39
C ALA A 192 -26.02 -13.15 -11.16
N LEU A 193 -25.23 -12.20 -11.67
CA LEU A 193 -23.98 -12.48 -12.41
C LEU A 193 -22.97 -13.21 -11.51
N ALA A 194 -22.77 -12.74 -10.26
CA ALA A 194 -21.85 -13.32 -9.27
C ALA A 194 -22.25 -14.78 -9.02
N ASP A 195 -23.55 -15.04 -8.86
CA ASP A 195 -24.09 -16.39 -8.56
C ASP A 195 -23.88 -17.29 -9.78
N GLU A 196 -24.23 -16.82 -10.98
CA GLU A 196 -24.03 -17.58 -12.23
C GLU A 196 -22.54 -17.93 -12.37
N ALA A 197 -21.65 -16.95 -12.23
CA ALA A 197 -20.19 -17.15 -12.34
C ALA A 197 -19.70 -18.21 -11.34
N SER A 198 -20.18 -18.16 -10.10
CA SER A 198 -19.77 -19.06 -8.99
C SER A 198 -20.27 -20.49 -9.26
N ARG A 199 -21.52 -20.63 -9.70
CA ARG A 199 -22.15 -21.95 -9.97
C ARG A 199 -21.43 -22.63 -11.14
N ASN A 200 -21.07 -21.89 -12.18
CA ASN A 200 -20.43 -22.43 -13.40
C ASN A 200 -18.92 -22.60 -13.23
N ALA A 201 -18.31 -21.96 -12.23
CA ALA A 201 -16.85 -22.06 -11.97
C ALA A 201 -16.49 -23.51 -11.61
N ASP A 202 -15.29 -23.95 -11.97
CA ASP A 202 -14.71 -25.22 -11.45
C ASP A 202 -13.58 -24.88 -10.47
N LEU A 203 -13.23 -23.61 -10.34
CA LEU A 203 -12.35 -23.12 -9.25
C LEU A 203 -12.85 -21.77 -8.74
N SER A 204 -13.09 -21.69 -7.43
CA SER A 204 -13.33 -20.42 -6.69
C SER A 204 -12.16 -20.22 -5.74
N ILE A 205 -11.54 -19.04 -5.80
CA ILE A 205 -10.42 -18.61 -4.91
C ILE A 205 -10.91 -17.37 -4.14
N THR A 206 -10.92 -17.45 -2.81
CA THR A 206 -11.32 -16.32 -1.94
C THR A 206 -10.03 -15.68 -1.42
N LEU A 207 -9.96 -14.36 -1.45
CA LEU A 207 -8.78 -13.55 -1.02
C LEU A 207 -9.24 -12.50 0.01
N GLY A 208 -8.67 -12.54 1.22
CA GLY A 208 -8.89 -11.56 2.29
C GLY A 208 -10.36 -11.30 2.56
N THR A 209 -11.18 -12.35 2.66
CA THR A 209 -12.56 -12.28 3.18
C THR A 209 -12.78 -13.39 4.21
N SER A 210 -13.48 -13.08 5.33
CA SER A 210 -13.76 -14.04 6.42
C SER A 210 -15.05 -14.81 6.12
N LEU A 211 -15.76 -14.40 5.05
CA LEU A 211 -16.90 -15.14 4.42
C LEU A 211 -18.11 -15.23 5.37
N GLN A 212 -18.28 -14.22 6.22
CA GLN A 212 -19.29 -14.23 7.31
C GLN A 212 -20.60 -13.59 6.85
N ILE A 213 -20.61 -12.88 5.71
CA ILE A 213 -21.79 -12.08 5.26
C ILE A 213 -22.53 -12.87 4.18
N ARG A 214 -23.81 -13.12 4.42
CA ARG A 214 -24.77 -13.74 3.46
C ARG A 214 -25.34 -12.65 2.58
N PRO A 215 -25.59 -12.92 1.27
CA PRO A 215 -25.15 -14.15 0.62
C PRO A 215 -23.70 -14.13 0.08
N SER A 216 -23.05 -12.96 0.12
CA SER A 216 -21.68 -12.74 -0.44
C SER A 216 -20.72 -13.91 -0.08
N GLY A 217 -20.55 -14.19 1.21
CA GLY A 217 -19.63 -15.23 1.73
C GLY A 217 -20.03 -16.64 1.37
N ASN A 218 -21.26 -16.85 0.88
CA ASN A 218 -21.74 -18.21 0.54
C ASN A 218 -21.48 -18.53 -0.95
N LEU A 219 -21.33 -17.51 -1.81
CA LEU A 219 -21.16 -17.70 -3.28
C LEU A 219 -20.02 -18.67 -3.59
N PRO A 220 -18.84 -18.60 -2.94
CA PRO A 220 -17.78 -19.55 -3.27
C PRO A 220 -18.18 -21.02 -3.05
N LEU A 221 -19.11 -21.31 -2.14
CA LEU A 221 -19.60 -22.70 -1.87
C LEU A 221 -20.36 -23.24 -3.09
N ALA A 222 -20.96 -22.37 -3.90
CA ALA A 222 -21.76 -22.77 -5.08
C ALA A 222 -20.85 -23.48 -6.09
N THR A 223 -19.56 -23.12 -6.11
CA THR A 223 -18.50 -23.76 -6.92
C THR A 223 -18.36 -25.24 -6.52
N LYS A 224 -18.49 -25.56 -5.23
CA LYS A 224 -18.33 -26.93 -4.71
C LYS A 224 -19.41 -27.87 -5.28
N ARG A 225 -20.57 -27.34 -5.69
CA ARG A 225 -21.61 -28.08 -6.47
C ARG A 225 -20.99 -28.61 -7.77
N ARG A 226 -21.23 -29.89 -8.08
CA ARG A 226 -20.76 -30.57 -9.31
C ARG A 226 -19.23 -30.64 -9.28
N GLY A 227 -18.66 -30.73 -8.07
CA GLY A 227 -17.27 -31.15 -7.84
C GLY A 227 -16.26 -30.04 -8.10
N GLY A 228 -16.69 -28.78 -8.11
CA GLY A 228 -15.76 -27.64 -8.22
C GLY A 228 -14.82 -27.58 -7.03
N ARG A 229 -13.69 -26.89 -7.17
CA ARG A 229 -12.66 -26.78 -6.12
C ARG A 229 -12.78 -25.38 -5.50
N LEU A 230 -12.43 -25.26 -4.23
CA LEU A 230 -12.50 -24.01 -3.45
C LEU A 230 -11.15 -23.84 -2.75
N VAL A 231 -10.49 -22.72 -3.03
CA VAL A 231 -9.29 -22.26 -2.32
C VAL A 231 -9.65 -21.02 -1.49
N ILE A 232 -9.20 -20.99 -0.25
CA ILE A 232 -9.41 -19.85 0.68
C ILE A 232 -8.03 -19.33 1.04
N VAL A 233 -7.73 -18.08 0.69
CA VAL A 233 -6.50 -17.36 1.12
C VAL A 233 -6.90 -16.30 2.16
N ASN A 234 -6.39 -16.43 3.38
CA ASN A 234 -6.83 -15.57 4.52
C ASN A 234 -5.94 -15.80 5.74
N LEU A 235 -5.55 -14.70 6.41
CA LEU A 235 -4.75 -14.75 7.65
C LEU A 235 -5.55 -15.37 8.82
N GLN A 236 -6.83 -15.04 8.95
CA GLN A 236 -7.73 -15.55 10.01
C GLN A 236 -8.52 -16.75 9.47
N PRO A 237 -9.11 -17.54 10.38
CA PRO A 237 -10.15 -18.49 9.99
C PRO A 237 -11.29 -17.77 9.28
N THR A 238 -12.01 -18.52 8.46
CA THR A 238 -13.19 -18.04 7.74
C THR A 238 -14.35 -19.00 8.01
N LYS A 239 -15.56 -18.52 7.76
CA LYS A 239 -16.78 -19.28 8.07
C LYS A 239 -16.69 -20.65 7.38
N HIS A 240 -16.04 -20.76 6.21
CA HIS A 240 -16.13 -21.98 5.35
C HIS A 240 -14.81 -22.76 5.26
N ASP A 241 -13.88 -22.61 6.21
CA ASP A 241 -12.57 -23.30 6.16
C ASP A 241 -12.77 -24.80 5.91
N ARG A 242 -13.77 -25.40 6.57
CA ARG A 242 -14.14 -26.85 6.47
C ARG A 242 -14.34 -27.29 5.02
N HIS A 243 -14.88 -26.42 4.17
CA HIS A 243 -15.32 -26.75 2.78
C HIS A 243 -14.17 -26.56 1.77
N ALA A 244 -13.04 -25.99 2.17
CA ALA A 244 -11.94 -25.62 1.25
C ALA A 244 -11.12 -26.87 0.90
N ASP A 245 -10.78 -27.01 -0.37
CA ASP A 245 -9.79 -28.02 -0.85
C ASP A 245 -8.41 -27.56 -0.41
N LEU A 246 -8.19 -26.26 -0.29
CA LEU A 246 -6.85 -25.67 0.02
C LEU A 246 -7.09 -24.38 0.82
N ARG A 247 -6.45 -24.27 1.99
CA ARG A 247 -6.44 -23.06 2.83
C ARG A 247 -4.99 -22.58 2.87
N ILE A 248 -4.81 -21.32 2.54
CA ILE A 248 -3.47 -20.67 2.55
C ILE A 248 -3.51 -19.53 3.55
N HIS A 249 -2.73 -19.67 4.63
CA HIS A 249 -2.64 -18.68 5.72
C HIS A 249 -1.38 -17.83 5.50
N GLY A 250 -1.52 -16.71 4.78
CA GLY A 250 -0.38 -15.83 4.43
C GLY A 250 -0.89 -14.50 3.92
N TYR A 251 0.00 -13.51 3.80
CA TYR A 251 -0.36 -12.19 3.21
C TYR A 251 -0.74 -12.43 1.75
N VAL A 252 -1.87 -11.87 1.33
CA VAL A 252 -2.41 -12.11 -0.02
C VAL A 252 -1.43 -11.58 -1.07
N ASP A 253 -0.69 -10.49 -0.81
CA ASP A 253 0.29 -10.00 -1.81
C ASP A 253 1.44 -11.02 -1.98
N GLU A 254 1.92 -11.66 -0.91
CA GLU A 254 2.98 -12.70 -1.01
C GLU A 254 2.43 -13.87 -1.81
N VAL A 255 1.21 -14.30 -1.50
CA VAL A 255 0.59 -15.45 -2.22
C VAL A 255 0.51 -15.10 -3.71
N MET A 256 -0.10 -13.97 -4.05
CA MET A 256 -0.44 -13.63 -5.46
C MET A 256 0.85 -13.35 -6.22
N THR A 257 1.87 -12.75 -5.61
CA THR A 257 3.14 -12.48 -6.35
C THR A 257 3.84 -13.81 -6.67
N ARG A 258 3.88 -14.75 -5.72
CA ARG A 258 4.47 -16.09 -5.96
C ARG A 258 3.61 -16.86 -6.97
N LEU A 259 2.28 -16.74 -6.91
CA LEU A 259 1.42 -17.39 -7.92
C LEU A 259 1.76 -16.85 -9.32
N MET A 260 1.76 -15.53 -9.52
CA MET A 260 2.03 -14.91 -10.85
C MET A 260 3.40 -15.40 -11.37
N LYS A 261 4.37 -15.53 -10.47
CA LYS A 261 5.73 -16.00 -10.83
C LYS A 261 5.63 -17.42 -11.38
N HIS A 262 4.88 -18.32 -10.72
CA HIS A 262 4.68 -19.72 -11.16
C HIS A 262 3.96 -19.71 -12.51
N LEU A 263 3.02 -18.79 -12.73
CA LEU A 263 2.22 -18.76 -13.99
C LEU A 263 3.04 -18.09 -15.11
N GLY A 264 4.21 -17.51 -14.80
CA GLY A 264 5.05 -16.78 -15.78
C GLY A 264 4.41 -15.47 -16.22
N LEU A 265 3.66 -14.80 -15.34
CA LEU A 265 2.98 -13.52 -15.64
C LEU A 265 3.64 -12.39 -14.85
N GLU A 266 3.75 -11.23 -15.48
CA GLU A 266 4.19 -9.99 -14.79
C GLU A 266 2.95 -9.34 -14.17
N ILE A 267 3.15 -8.60 -13.10
CA ILE A 267 2.08 -7.75 -12.52
C ILE A 267 2.19 -6.40 -13.21
N PRO A 268 1.15 -5.96 -13.94
CA PRO A 268 1.22 -4.71 -14.71
C PRO A 268 1.32 -3.46 -13.83
N ALA A 269 1.91 -2.42 -14.41
CA ALA A 269 2.01 -1.05 -13.84
C ALA A 269 0.59 -0.48 -13.76
N TRP A 270 0.33 0.28 -12.71
CA TRP A 270 -0.92 1.05 -12.55
C TRP A 270 -0.73 2.45 -13.13
N ASP A 271 -1.58 2.83 -14.10
CA ASP A 271 -1.49 4.10 -14.86
C ASP A 271 -2.10 5.25 -14.03
N GLY A 272 -2.58 4.99 -12.81
CA GLY A 272 -3.48 5.92 -12.09
C GLY A 272 -4.94 5.56 -12.35
N PRO A 273 -5.90 6.26 -11.75
CA PRO A 273 -7.31 5.85 -11.79
C PRO A 273 -7.83 5.89 -13.22
N ARG A 274 -8.35 4.77 -13.68
CA ARG A 274 -8.88 4.60 -15.06
C ARG A 274 -10.08 3.70 -14.94
N VAL A 275 -11.13 3.96 -15.71
CA VAL A 275 -12.37 3.14 -15.71
C VAL A 275 -12.41 2.40 -17.04
N LEU A 276 -12.56 1.08 -17.02
CA LEU A 276 -12.75 0.26 -18.24
C LEU A 276 -14.11 -0.41 -18.15
N GLU A 277 -15.08 -0.04 -19.00
CA GLU A 277 -16.42 -0.68 -18.94
C GLU A 277 -16.37 -2.13 -19.40
N ARG A 278 -15.64 -2.40 -20.47
CA ARG A 278 -15.75 -3.71 -21.16
C ARG A 278 -14.38 -4.36 -21.31
N ALA A 279 -14.32 -5.64 -20.96
CA ALA A 279 -13.14 -6.52 -21.05
C ALA A 279 -12.61 -6.43 -22.48
N LEU A 280 -11.31 -6.11 -22.63
CA LEU A 280 -10.62 -6.06 -23.94
C LEU A 280 -10.41 -7.50 -24.40
N PRO A 281 -10.01 -7.76 -25.67
CA PRO A 281 -9.77 -9.14 -26.11
C PRO A 281 -8.60 -9.77 -25.34
N PRO A 282 -8.68 -11.08 -25.06
CA PRO A 282 -7.64 -11.82 -24.34
C PRO A 282 -6.20 -11.74 -24.88
N LEU A 283 -5.21 -11.57 -24.00
CA LEU A 283 -3.79 -11.45 -24.43
C LEU A 283 -3.16 -12.84 -24.50
N PRO A 284 -2.02 -13.01 -25.21
CA PRO A 284 -1.30 -14.28 -25.19
C PRO A 284 -0.91 -14.64 -23.75
N ARG A 285 -0.92 -15.93 -23.41
CA ARG A 285 -0.38 -16.39 -22.11
C ARG A 285 0.63 -17.54 -22.27
N PRO A 286 1.50 -17.78 -21.26
CA PRO A 286 2.49 -18.86 -21.36
C PRO A 286 1.80 -20.21 -21.58
N PRO A 287 2.48 -21.16 -22.24
CA PRO A 287 1.96 -22.51 -22.34
C PRO A 287 1.95 -23.17 -20.95
N THR A 288 1.06 -24.14 -20.79
CA THR A 288 0.77 -24.86 -19.53
C THR A 288 1.81 -25.94 -19.24
N PRO A 289 2.29 -26.10 -18.00
CA PRO A 289 3.16 -27.22 -17.65
C PRO A 289 2.44 -28.57 -17.82
N LYS A 290 3.22 -29.61 -18.09
CA LYS A 290 2.80 -31.02 -17.92
C LYS A 290 2.64 -31.25 -16.42
N LEU A 291 1.45 -31.64 -15.97
CA LEU A 291 1.13 -31.75 -14.53
C LEU A 291 1.26 -33.21 -14.09
N GLU A 292 0.54 -34.11 -14.76
CA GLU A 292 0.30 -35.52 -14.30
C GLU A 292 1.27 -36.46 -15.02
N LYS B 9 11.09 6.42 24.63
CA LYS B 9 10.40 6.22 23.30
C LYS B 9 9.59 7.47 22.89
N GLY B 10 9.76 8.58 23.61
CA GLY B 10 9.23 9.91 23.24
C GLY B 10 7.72 10.00 23.36
N LYS B 11 7.13 11.05 22.77
CA LYS B 11 5.68 11.33 22.82
C LYS B 11 4.94 10.48 21.78
N CYS B 12 4.06 9.59 22.24
CA CYS B 12 3.38 8.57 21.40
C CYS B 12 1.88 8.82 21.38
N GLY B 13 1.24 8.66 20.22
CA GLY B 13 -0.22 8.64 20.08
C GLY B 13 -0.84 10.01 20.20
N LEU B 14 -0.11 11.09 19.86
CA LEU B 14 -0.68 12.46 19.79
C LEU B 14 -1.79 12.49 18.75
N PRO B 15 -2.79 13.39 18.92
CA PRO B 15 -3.85 13.53 17.93
C PRO B 15 -3.33 13.96 16.54
N GLU B 16 -3.94 13.41 15.50
CA GLU B 16 -3.67 13.78 14.11
C GLU B 16 -4.35 15.11 13.78
N ILE B 17 -3.70 15.89 12.94
CA ILE B 17 -4.19 17.19 12.40
C ILE B 17 -4.47 16.97 10.91
N PHE B 18 -5.61 17.45 10.41
CA PHE B 18 -5.94 17.45 8.97
C PHE B 18 -6.20 18.88 8.50
N ASP B 19 -5.32 19.40 7.65
CA ASP B 19 -5.58 20.68 6.94
C ASP B 19 -6.84 20.47 6.09
N PRO B 20 -7.81 21.41 6.10
CA PRO B 20 -8.97 21.32 5.20
C PRO B 20 -8.55 21.47 3.75
N PRO B 21 -9.35 20.96 2.78
CA PRO B 21 -8.94 20.88 1.37
C PRO B 21 -8.33 22.14 0.74
N GLU B 22 -8.96 23.30 0.90
CA GLU B 22 -8.48 24.56 0.28
C GLU B 22 -7.12 24.94 0.86
N GLU B 23 -6.95 24.78 2.18
CA GLU B 23 -5.68 25.10 2.89
C GLU B 23 -4.60 24.15 2.37
N LEU B 24 -4.97 22.88 2.25
CA LEU B 24 -4.04 21.80 1.83
C LEU B 24 -3.59 22.08 0.39
N GLU B 25 -4.54 22.41 -0.49
CA GLU B 25 -4.23 22.76 -1.90
C GLU B 25 -3.28 23.94 -1.94
N ARG B 26 -3.55 24.98 -1.16
CA ARG B 26 -2.72 26.20 -1.13
C ARG B 26 -1.31 25.83 -0.66
N LYS B 27 -1.20 25.01 0.37
CA LYS B 27 0.12 24.66 0.98
C LYS B 27 0.97 23.84 0.00
N VAL B 28 0.35 22.95 -0.78
CA VAL B 28 1.09 22.08 -1.75
C VAL B 28 1.57 22.96 -2.90
N TRP B 29 0.76 23.96 -3.31
CA TRP B 29 1.20 24.96 -4.31
C TRP B 29 2.43 25.71 -3.79
N GLU B 30 2.41 26.11 -2.52
CA GLU B 30 3.54 26.84 -1.89
C GLU B 30 4.77 25.91 -1.87
N LEU B 31 4.58 24.63 -1.57
CA LEU B 31 5.67 23.62 -1.58
C LEU B 31 6.26 23.57 -3.00
N ALA B 32 5.40 23.48 -4.03
CA ALA B 32 5.86 23.48 -5.45
C ALA B 32 6.73 24.72 -5.68
N ARG B 33 6.23 25.89 -5.28
CA ARG B 33 6.94 27.19 -5.43
C ARG B 33 8.33 27.06 -4.78
N LEU B 34 8.43 26.51 -3.57
CA LEU B 34 9.73 26.37 -2.85
C LEU B 34 10.67 25.43 -3.61
N VAL B 35 10.15 24.32 -4.14
CA VAL B 35 10.97 23.36 -4.93
C VAL B 35 11.53 24.06 -6.17
N TRP B 36 10.69 24.81 -6.89
CA TRP B 36 11.06 25.55 -8.13
C TRP B 36 12.17 26.55 -7.83
N GLN B 37 12.09 27.25 -6.69
CA GLN B 37 13.02 28.36 -6.32
C GLN B 37 14.32 27.84 -5.72
N SER B 38 14.36 26.59 -5.24
CA SER B 38 15.50 26.08 -4.44
C SER B 38 16.59 25.48 -5.34
N SER B 39 17.86 25.70 -5.00
CA SER B 39 19.05 25.15 -5.70
C SER B 39 19.40 23.74 -5.19
N SER B 40 19.25 23.49 -3.89
CA SER B 40 19.64 22.21 -3.25
C SER B 40 18.54 21.74 -2.29
N VAL B 41 17.84 20.67 -2.65
CA VAL B 41 16.64 20.17 -1.92
C VAL B 41 16.96 18.80 -1.29
N VAL B 42 16.84 18.71 0.02
CA VAL B 42 17.07 17.45 0.80
C VAL B 42 15.73 17.03 1.39
N PHE B 43 15.39 15.75 1.22
CA PHE B 43 14.19 15.12 1.80
C PHE B 43 14.66 14.26 2.98
N HIS B 44 13.91 14.34 4.08
CA HIS B 44 14.09 13.56 5.32
C HIS B 44 12.86 12.67 5.51
N THR B 45 13.01 11.35 5.45
CA THR B 45 11.85 10.41 5.56
C THR B 45 11.94 9.59 6.85
N GLY B 46 10.78 9.30 7.41
CA GLY B 46 10.59 8.38 8.53
C GLY B 46 9.45 7.43 8.25
N ALA B 47 9.00 6.76 9.32
CA ALA B 47 8.08 5.59 9.31
C ALA B 47 6.75 5.93 8.64
N GLY B 48 6.35 7.20 8.66
CA GLY B 48 5.08 7.71 8.08
C GLY B 48 4.98 7.46 6.58
N ILE B 49 6.11 7.38 5.85
CA ILE B 49 6.05 7.16 4.37
C ILE B 49 5.83 5.68 4.03
N SER B 50 5.81 4.75 4.99
CA SER B 50 5.65 3.31 4.70
C SER B 50 4.33 2.78 5.26
N THR B 51 3.54 3.62 5.94
CA THR B 51 2.25 3.20 6.55
C THR B 51 1.26 2.80 5.46
N ALA B 52 1.22 3.51 4.31
CA ALA B 52 0.32 3.18 3.18
C ALA B 52 0.77 1.90 2.44
N SER B 53 1.90 1.27 2.81
CA SER B 53 2.29 -0.07 2.28
C SER B 53 2.09 -1.20 3.31
N GLY B 54 1.41 -0.92 4.43
CA GLY B 54 1.01 -1.90 5.46
C GLY B 54 2.04 -2.02 6.58
N ILE B 55 3.05 -1.15 6.64
CA ILE B 55 4.06 -1.17 7.75
C ILE B 55 3.71 -0.09 8.76
N PRO B 56 3.42 -0.43 10.03
CA PRO B 56 3.05 0.57 11.02
C PRO B 56 4.23 1.50 11.32
N ASP B 57 3.93 2.71 11.79
CA ASP B 57 4.95 3.67 12.25
C ASP B 57 5.24 3.36 13.73
N PHE B 58 5.89 4.29 14.44
CA PHE B 58 6.32 4.06 15.84
C PHE B 58 5.38 4.78 16.81
N ARG B 59 5.01 6.02 16.51
CA ARG B 59 4.40 6.96 17.50
C ARG B 59 3.06 7.48 16.98
N GLY B 60 2.58 7.01 15.82
CA GLY B 60 1.22 7.31 15.32
C GLY B 60 0.16 6.69 16.24
N PRO B 61 -1.14 6.93 15.98
CA PRO B 61 -2.21 6.35 16.81
C PRO B 61 -2.05 4.84 17.02
N HIS B 62 -1.72 4.07 15.98
CA HIS B 62 -1.50 2.59 16.06
C HIS B 62 -0.02 2.22 15.88
N GLY B 63 0.90 3.16 16.13
CA GLY B 63 2.36 2.92 16.07
C GLY B 63 2.84 1.84 17.01
N VAL B 64 4.00 1.27 16.71
CA VAL B 64 4.67 0.18 17.47
C VAL B 64 4.77 0.59 18.95
N TRP B 65 5.38 1.73 19.24
CA TRP B 65 5.57 2.21 20.64
C TRP B 65 4.22 2.61 21.26
N THR B 66 3.37 3.35 20.53
CA THR B 66 2.00 3.75 20.99
C THR B 66 1.21 2.51 21.42
N MET B 67 1.18 1.46 20.62
CA MET B 67 0.40 0.22 20.91
C MET B 67 1.01 -0.50 22.11
N GLU B 68 2.34 -0.59 22.17
CA GLU B 68 3.09 -1.18 23.31
C GLU B 68 2.72 -0.46 24.62
N GLU B 69 2.72 0.89 24.61
CA GLU B 69 2.33 1.76 25.76
C GLU B 69 0.92 1.43 26.25
N ARG B 70 0.00 1.10 25.34
CA ARG B 70 -1.42 0.78 25.68
C ARG B 70 -1.60 -0.73 25.82
N GLY B 71 -0.50 -1.48 25.91
CA GLY B 71 -0.53 -2.96 26.02
C GLY B 71 -1.31 -3.60 24.88
N LEU B 72 -1.19 -3.08 23.66
CA LEU B 72 -1.75 -3.67 22.42
C LEU B 72 -0.57 -4.01 21.50
N ALA B 73 -0.81 -4.69 20.38
CA ALA B 73 0.27 -5.12 19.44
C ALA B 73 0.17 -4.30 18.16
N PRO B 74 1.29 -3.90 17.54
CA PRO B 74 1.26 -3.26 16.23
C PRO B 74 0.82 -4.31 15.19
N LYS B 75 0.25 -3.84 14.09
CA LYS B 75 -0.27 -4.74 13.05
C LYS B 75 0.48 -4.43 11.74
N PHE B 76 1.00 -5.47 11.11
CA PHE B 76 1.56 -5.45 9.73
C PHE B 76 0.53 -6.00 8.76
N ASP B 77 0.37 -5.34 7.61
CA ASP B 77 -0.52 -5.82 6.52
C ASP B 77 0.34 -6.37 5.39
N THR B 78 1.66 -6.45 5.60
CA THR B 78 2.65 -7.03 4.66
C THR B 78 3.81 -7.67 5.43
N THR B 79 4.63 -8.45 4.76
CA THR B 79 6.00 -8.78 5.22
C THR B 79 6.94 -7.74 4.65
N PHE B 80 8.17 -7.69 5.17
CA PHE B 80 9.18 -6.71 4.67
C PHE B 80 9.50 -7.04 3.22
N GLU B 81 9.51 -8.34 2.89
CA GLU B 81 9.87 -8.86 1.56
C GLU B 81 8.76 -8.58 0.54
N SER B 82 7.49 -8.62 0.95
CA SER B 82 6.32 -8.41 0.05
C SER B 82 5.90 -6.94 -0.02
N ALA B 83 6.47 -6.09 0.82
CA ALA B 83 6.13 -4.65 0.87
C ALA B 83 6.48 -4.00 -0.47
N ARG B 84 5.59 -3.16 -1.00
CA ARG B 84 5.91 -2.38 -2.24
C ARG B 84 6.20 -0.94 -1.82
N PRO B 85 7.10 -0.25 -2.53
CA PRO B 85 7.25 1.19 -2.38
C PRO B 85 5.92 1.90 -2.64
N THR B 86 5.67 2.92 -1.83
CA THR B 86 4.50 3.81 -1.91
C THR B 86 4.70 4.75 -3.10
N GLN B 87 3.61 5.41 -3.46
CA GLN B 87 3.60 6.57 -4.40
C GLN B 87 4.65 7.60 -3.93
N THR B 88 4.77 7.82 -2.63
CA THR B 88 5.79 8.75 -2.05
C THR B 88 7.20 8.24 -2.36
N HIS B 89 7.50 6.97 -2.07
CA HIS B 89 8.80 6.35 -2.43
C HIS B 89 9.13 6.58 -3.92
N MET B 90 8.19 6.28 -4.81
CA MET B 90 8.41 6.37 -6.27
C MET B 90 8.51 7.84 -6.72
N ALA B 91 7.75 8.77 -6.13
CA ALA B 91 7.89 10.21 -6.43
C ALA B 91 9.34 10.63 -6.15
N LEU B 92 9.93 10.14 -5.06
CA LEU B 92 11.30 10.55 -4.62
C LEU B 92 12.33 10.02 -5.62
N VAL B 93 12.06 8.84 -6.20
CA VAL B 93 12.86 8.22 -7.28
C VAL B 93 12.90 9.21 -8.44
N GLN B 94 11.71 9.69 -8.85
CA GLN B 94 11.61 10.57 -10.04
C GLN B 94 12.23 11.93 -9.74
N LEU B 95 12.02 12.50 -8.54
CA LEU B 95 12.55 13.83 -8.17
C LEU B 95 14.08 13.76 -8.22
N GLU B 96 14.67 12.65 -7.81
CA GLU B 96 16.14 12.49 -7.93
C GLU B 96 16.53 12.41 -9.42
N ARG B 97 15.79 11.63 -10.23
CA ARG B 97 16.18 11.40 -11.65
C ARG B 97 16.18 12.70 -12.46
N VAL B 98 15.33 13.67 -12.12
CA VAL B 98 15.21 14.93 -12.91
C VAL B 98 16.00 16.06 -12.22
N GLY B 99 16.76 15.77 -11.17
CA GLY B 99 17.66 16.75 -10.52
C GLY B 99 16.98 17.67 -9.51
N LEU B 100 15.76 17.38 -9.03
CA LEU B 100 15.05 18.24 -8.05
C LEU B 100 15.25 17.78 -6.61
N LEU B 101 15.95 16.67 -6.41
CA LEU B 101 16.33 16.11 -5.09
C LEU B 101 17.85 15.91 -5.11
N ARG B 102 18.57 16.56 -4.19
CA ARG B 102 20.05 16.47 -4.09
C ARG B 102 20.41 15.25 -3.24
N PHE B 103 19.69 15.06 -2.13
CA PHE B 103 20.00 13.97 -1.16
C PHE B 103 18.75 13.54 -0.40
N LEU B 104 18.78 12.28 0.02
CA LEU B 104 17.67 11.63 0.76
C LEU B 104 18.21 11.07 2.07
N VAL B 105 17.70 11.58 3.18
CA VAL B 105 18.00 11.09 4.55
C VAL B 105 16.82 10.33 5.14
N SER B 106 16.98 9.05 5.47
CA SER B 106 15.89 8.21 6.01
C SER B 106 16.27 7.54 7.34
N GLN B 107 15.29 7.49 8.24
CA GLN B 107 15.34 6.79 9.53
C GLN B 107 14.78 5.37 9.35
N ASN B 108 14.29 5.02 8.15
CA ASN B 108 13.57 3.75 7.93
C ASN B 108 14.56 2.60 7.71
N VAL B 109 14.30 1.47 8.35
CA VAL B 109 15.08 0.21 8.20
C VAL B 109 14.34 -0.76 7.26
N ASP B 110 13.17 -0.36 6.76
CA ASP B 110 12.27 -1.23 5.93
C ASP B 110 12.90 -1.57 4.55
N GLY B 111 14.02 -0.96 4.16
CA GLY B 111 14.70 -1.32 2.90
C GLY B 111 14.01 -0.81 1.63
N LEU B 112 12.94 0.01 1.71
CA LEU B 112 12.08 0.32 0.53
C LEU B 112 12.72 1.36 -0.39
N HIS B 113 13.39 2.36 0.15
CA HIS B 113 14.13 3.35 -0.68
C HIS B 113 15.06 2.59 -1.64
N VAL B 114 15.91 1.70 -1.13
CA VAL B 114 16.87 0.89 -1.94
C VAL B 114 16.07 0.03 -2.92
N ARG B 115 15.05 -0.70 -2.46
CA ARG B 115 14.32 -1.64 -3.34
C ARG B 115 13.49 -0.87 -4.41
N SER B 116 13.20 0.40 -4.19
CA SER B 116 12.51 1.30 -5.14
C SER B 116 13.43 1.64 -6.34
N GLY B 117 14.74 1.39 -6.23
CA GLY B 117 15.73 1.73 -7.27
C GLY B 117 16.34 3.09 -7.03
N PHE B 118 16.16 3.66 -5.83
CA PHE B 118 16.74 4.97 -5.49
C PHE B 118 18.26 4.77 -5.39
N PRO B 119 19.11 5.67 -5.94
CA PRO B 119 20.56 5.46 -5.93
C PRO B 119 21.17 5.63 -4.53
N ARG B 120 21.91 4.61 -4.12
CA ARG B 120 22.50 4.46 -2.76
C ARG B 120 23.48 5.61 -2.49
N ASP B 121 24.14 6.16 -3.51
CA ASP B 121 25.11 7.27 -3.30
C ASP B 121 24.37 8.59 -3.07
N LYS B 122 23.03 8.67 -3.15
CA LYS B 122 22.31 9.89 -2.71
C LYS B 122 21.39 9.60 -1.52
N LEU B 123 21.61 8.50 -0.81
CA LEU B 123 20.77 8.01 0.31
C LEU B 123 21.64 7.82 1.57
N ALA B 124 21.23 8.40 2.70
CA ALA B 124 21.72 8.03 4.05
C ALA B 124 20.64 7.20 4.73
N GLU B 125 20.97 5.96 5.09
CA GLU B 125 20.13 5.07 5.94
C GLU B 125 20.65 5.13 7.38
N LEU B 126 20.20 6.12 8.14
CA LEU B 126 20.83 6.52 9.43
C LEU B 126 20.62 5.44 10.50
N HIS B 127 19.57 4.61 10.37
CA HIS B 127 19.21 3.61 11.41
C HIS B 127 19.45 2.19 10.89
N GLY B 128 19.96 2.06 9.65
CA GLY B 128 20.28 0.79 8.99
C GLY B 128 19.20 0.36 8.02
N ASN B 129 19.35 -0.85 7.51
CA ASN B 129 18.52 -1.44 6.43
C ASN B 129 18.45 -2.93 6.72
N MET B 130 17.25 -3.47 6.88
CA MET B 130 17.09 -4.85 7.37
C MET B 130 17.44 -5.84 6.26
N PHE B 131 17.65 -5.40 5.01
CA PHE B 131 18.12 -6.27 3.90
C PHE B 131 19.65 -6.21 3.77
N VAL B 132 20.31 -5.36 4.55
CA VAL B 132 21.76 -5.10 4.35
C VAL B 132 22.56 -5.71 5.51
N GLU B 133 23.51 -6.58 5.15
CA GLU B 133 24.53 -7.08 6.12
C GLU B 133 25.89 -6.58 5.63
N GLU B 134 26.77 -6.31 6.60
CA GLU B 134 28.08 -5.65 6.43
C GLU B 134 29.16 -6.54 7.04
N CYS B 135 30.23 -6.82 6.31
CA CYS B 135 31.42 -7.56 6.81
C CYS B 135 32.09 -6.71 7.91
N ALA B 136 32.31 -7.28 9.08
CA ALA B 136 33.02 -6.59 10.20
C ALA B 136 34.50 -6.38 9.85
N LYS B 137 35.06 -7.16 8.93
CA LYS B 137 36.49 -7.04 8.51
C LYS B 137 36.66 -5.95 7.45
N CYS B 138 36.10 -6.16 6.25
CA CYS B 138 36.38 -5.30 5.06
C CYS B 138 35.28 -4.25 4.86
N LYS B 139 34.21 -4.25 5.68
CA LYS B 139 33.09 -3.27 5.65
C LYS B 139 32.29 -3.37 4.33
N THR B 140 32.55 -4.38 3.48
CA THR B 140 31.75 -4.63 2.26
C THR B 140 30.30 -4.91 2.67
N GLN B 141 29.34 -4.24 2.02
CA GLN B 141 27.88 -4.39 2.27
C GLN B 141 27.28 -5.34 1.23
N TYR B 142 26.31 -6.12 1.66
CA TYR B 142 25.53 -7.04 0.81
C TYR B 142 24.06 -6.63 0.93
N VAL B 143 23.43 -6.31 -0.20
CA VAL B 143 21.97 -5.99 -0.25
C VAL B 143 21.29 -7.29 -0.66
N ARG B 144 20.66 -7.94 0.32
CA ARG B 144 20.01 -9.26 0.15
C ARG B 144 18.57 -9.08 -0.33
N ASP B 145 18.02 -10.13 -0.94
CA ASP B 145 16.60 -10.21 -1.38
C ASP B 145 15.67 -10.56 -0.22
N THR B 146 16.17 -11.03 0.92
CA THR B 146 15.36 -11.33 2.13
C THR B 146 15.95 -10.55 3.30
N VAL B 147 15.17 -10.33 4.37
CA VAL B 147 15.65 -9.62 5.59
C VAL B 147 16.78 -10.45 6.19
N VAL B 148 17.84 -9.78 6.62
CA VAL B 148 18.91 -10.37 7.45
C VAL B 148 18.29 -10.66 8.83
N GLY B 149 18.40 -11.89 9.31
CA GLY B 149 17.54 -12.41 10.39
C GLY B 149 17.86 -11.88 11.78
N THR B 150 18.79 -10.94 11.93
CA THR B 150 19.22 -10.41 13.26
C THR B 150 19.05 -8.89 13.29
N MET B 151 19.03 -8.32 14.49
CA MET B 151 19.04 -6.85 14.74
C MET B 151 20.04 -6.56 15.87
N GLY B 152 20.59 -5.36 15.92
CA GLY B 152 21.54 -4.90 16.95
C GLY B 152 22.98 -5.13 16.57
N LEU B 153 23.28 -5.20 15.27
CA LEU B 153 24.66 -5.32 14.71
C LEU B 153 25.27 -6.67 15.14
N LYS B 154 24.47 -7.75 15.12
CA LYS B 154 24.90 -9.12 15.51
C LYS B 154 25.35 -9.91 14.29
N ALA B 155 26.07 -11.02 14.52
CA ALA B 155 26.51 -11.96 13.47
C ALA B 155 25.27 -12.63 12.88
N THR B 156 25.18 -12.67 11.55
CA THR B 156 23.99 -13.17 10.81
C THR B 156 24.16 -14.67 10.56
N GLY B 157 25.39 -15.18 10.70
CA GLY B 157 25.76 -16.59 10.46
C GLY B 157 26.45 -16.76 9.12
N ARG B 158 26.43 -15.74 8.27
CA ARG B 158 27.03 -15.80 6.90
C ARG B 158 28.42 -15.17 6.96
N LEU B 159 29.30 -15.59 6.05
CA LEU B 159 30.69 -15.09 5.95
C LEU B 159 30.86 -14.30 4.66
N CYS B 160 31.81 -13.37 4.65
CA CYS B 160 32.19 -12.50 3.50
C CYS B 160 32.74 -13.34 2.35
N THR B 161 32.33 -13.03 1.11
CA THR B 161 32.69 -13.77 -0.13
C THR B 161 33.58 -12.90 -1.02
N VAL B 162 34.12 -11.79 -0.49
CA VAL B 162 35.08 -10.90 -1.24
C VAL B 162 36.40 -11.66 -1.38
N ALA B 163 37.02 -11.59 -2.56
CA ALA B 163 38.21 -12.38 -2.98
C ALA B 163 39.36 -12.21 -1.98
N CYS B 171 37.96 -13.25 2.16
CA CYS B 171 37.92 -12.46 3.42
C CYS B 171 37.30 -13.30 4.54
N ARG B 172 36.21 -14.00 4.24
CA ARG B 172 35.49 -14.90 5.18
C ARG B 172 35.25 -14.17 6.51
N GLY B 173 35.14 -12.83 6.48
CA GLY B 173 34.78 -12.02 7.66
C GLY B 173 33.36 -12.32 8.14
N GLU B 174 33.07 -11.94 9.39
CA GLU B 174 31.75 -12.10 10.04
C GLU B 174 30.78 -11.05 9.45
N LEU B 175 29.76 -11.48 8.71
CA LEU B 175 28.66 -10.57 8.26
C LEU B 175 27.75 -10.28 9.44
N ARG B 176 27.42 -9.00 9.61
CA ARG B 176 26.53 -8.51 10.70
C ARG B 176 25.39 -7.69 10.11
N ASP B 177 24.22 -7.68 10.77
CA ASP B 177 23.11 -6.77 10.40
C ASP B 177 23.61 -5.33 10.58
N THR B 178 22.88 -4.36 10.04
CA THR B 178 23.17 -2.90 10.18
C THR B 178 22.07 -2.19 10.99
N ILE B 179 21.23 -2.94 11.70
CA ILE B 179 20.09 -2.37 12.49
C ILE B 179 20.64 -1.94 13.85
N LEU B 180 20.78 -0.63 14.04
CA LEU B 180 21.17 0.04 15.31
C LEU B 180 20.21 -0.39 16.42
N ASP B 181 20.78 -0.70 17.60
CA ASP B 181 20.03 -0.77 18.88
C ASP B 181 20.03 0.64 19.50
N TRP B 182 19.23 0.82 20.56
CA TRP B 182 18.99 2.12 21.26
C TRP B 182 20.30 2.84 21.58
N GLU B 183 21.34 2.10 21.97
CA GLU B 183 22.63 2.67 22.47
C GLU B 183 23.64 2.86 21.34
N ASP B 184 23.39 2.30 20.15
CA ASP B 184 24.34 2.35 19.01
C ASP B 184 24.31 3.73 18.37
N SER B 185 25.48 4.35 18.22
CA SER B 185 25.64 5.63 17.47
C SER B 185 25.53 5.32 15.97
N LEU B 186 25.22 6.33 15.17
CA LEU B 186 24.82 6.15 13.75
C LEU B 186 26.04 5.82 12.92
N PRO B 187 25.87 5.17 11.74
CA PRO B 187 26.98 4.92 10.84
C PRO B 187 27.61 6.27 10.44
N ASP B 188 28.92 6.41 10.64
CA ASP B 188 29.67 7.68 10.54
C ASP B 188 29.55 8.28 9.13
N ARG B 189 29.70 7.43 8.10
CA ARG B 189 29.69 7.86 6.68
C ARG B 189 28.29 8.44 6.35
N ASP B 190 27.23 7.70 6.67
CA ASP B 190 25.82 8.10 6.37
C ASP B 190 25.49 9.40 7.10
N LEU B 191 25.92 9.56 8.36
CA LEU B 191 25.61 10.75 9.19
C LEU B 191 26.35 11.98 8.65
N ALA B 192 27.63 11.81 8.31
CA ALA B 192 28.48 12.86 7.73
C ALA B 192 27.83 13.39 6.44
N LEU B 193 27.50 12.49 5.50
CA LEU B 193 26.90 12.87 4.20
C LEU B 193 25.53 13.54 4.43
N ALA B 194 24.71 12.99 5.33
CA ALA B 194 23.37 13.51 5.69
C ALA B 194 23.52 14.91 6.29
N ASP B 195 24.52 15.08 7.16
CA ASP B 195 24.78 16.38 7.84
C ASP B 195 25.22 17.41 6.81
N GLU B 196 26.19 17.06 5.98
CA GLU B 196 26.72 17.92 4.88
C GLU B 196 25.56 18.31 3.96
N ALA B 197 24.78 17.34 3.50
CA ALA B 197 23.64 17.59 2.59
C ALA B 197 22.66 18.56 3.26
N SER B 198 22.35 18.39 4.55
CA SER B 198 21.37 19.22 5.30
C SER B 198 21.88 20.66 5.44
N ARG B 199 23.18 20.83 5.75
CA ARG B 199 23.80 22.16 5.98
C ARG B 199 23.81 22.96 4.67
N ASN B 200 24.11 22.29 3.55
CA ASN B 200 24.26 22.94 2.22
C ASN B 200 22.90 23.15 1.55
N ALA B 201 21.85 22.47 2.01
CA ALA B 201 20.49 22.59 1.41
C ALA B 201 19.96 24.02 1.62
N ASP B 202 19.14 24.54 0.70
CA ASP B 202 18.35 25.77 0.93
C ASP B 202 16.87 25.38 1.08
N LEU B 203 16.52 24.10 0.84
CA LEU B 203 15.20 23.55 1.22
C LEU B 203 15.37 22.16 1.82
N SER B 204 14.84 21.97 3.03
CA SER B 204 14.69 20.64 3.67
C SER B 204 13.20 20.35 3.80
N ILE B 205 12.77 19.19 3.31
CA ILE B 205 11.36 18.71 3.38
C ILE B 205 11.36 17.43 4.22
N THR B 206 10.61 17.41 5.33
CA THR B 206 10.43 16.20 6.17
C THR B 206 9.11 15.55 5.79
N LEU B 207 9.12 14.22 5.68
CA LEU B 207 7.95 13.40 5.27
C LEU B 207 7.75 12.27 6.28
N GLY B 208 6.63 12.29 7.02
CA GLY B 208 6.24 11.16 7.88
C GLY B 208 7.30 10.85 8.92
N THR B 209 7.89 11.88 9.56
CA THR B 209 8.74 11.75 10.77
C THR B 209 8.25 12.74 11.82
N SER B 210 8.23 12.31 13.08
CA SER B 210 7.87 13.18 14.24
C SER B 210 9.12 13.94 14.73
N LEU B 211 10.30 13.61 14.21
CA LEU B 211 11.60 14.35 14.41
C LEU B 211 12.06 14.29 15.87
N GLN B 212 11.71 13.22 16.57
CA GLN B 212 11.93 13.09 18.04
C GLN B 212 13.28 12.44 18.34
N ILE B 213 13.95 11.83 17.34
CA ILE B 213 15.23 11.08 17.58
C ILE B 213 16.43 11.93 17.17
N ARG B 214 17.34 12.17 18.12
CA ARG B 214 18.65 12.83 17.91
C ARG B 214 19.64 11.80 17.40
N PRO B 215 20.55 12.14 16.45
CA PRO B 215 20.55 13.44 15.79
C PRO B 215 19.66 13.52 14.54
N SER B 216 19.10 12.38 14.10
CA SER B 216 18.31 12.24 12.84
C SER B 216 17.28 13.37 12.73
N GLY B 217 16.43 13.54 13.74
CA GLY B 217 15.33 14.52 13.77
C GLY B 217 15.82 15.96 13.79
N ASN B 218 17.10 16.20 14.10
CA ASN B 218 17.69 17.57 14.15
C ASN B 218 18.33 17.99 12.81
N LEU B 219 18.69 17.06 11.93
CA LEU B 219 19.38 17.38 10.64
C LEU B 219 18.59 18.42 9.85
N PRO B 220 17.25 18.33 9.74
CA PRO B 220 16.49 19.33 8.97
C PRO B 220 16.70 20.76 9.47
N LEU B 221 16.94 20.96 10.77
CA LEU B 221 17.17 22.30 11.38
C LEU B 221 18.47 22.92 10.84
N ALA B 222 19.45 22.09 10.47
CA ALA B 222 20.75 22.57 9.95
C ALA B 222 20.52 23.41 8.69
N THR B 223 19.47 23.08 7.91
CA THR B 223 19.03 23.81 6.70
C THR B 223 18.65 25.25 7.08
N LYS B 224 17.98 25.45 8.23
CA LYS B 224 17.55 26.79 8.71
C LYS B 224 18.76 27.73 8.86
N ARG B 225 19.97 27.20 9.11
CA ARG B 225 21.24 27.97 9.13
C ARG B 225 21.47 28.62 7.76
N ARG B 226 21.84 29.90 7.74
CA ARG B 226 22.11 30.69 6.51
C ARG B 226 20.82 30.80 5.69
N GLY B 227 19.66 30.81 6.36
CA GLY B 227 18.38 31.27 5.79
C GLY B 227 17.71 30.21 4.95
N GLY B 228 18.10 28.94 5.08
CA GLY B 228 17.41 27.82 4.42
C GLY B 228 15.97 27.70 4.87
N ARG B 229 15.10 27.16 4.01
CA ARG B 229 13.67 26.96 4.32
C ARG B 229 13.49 25.52 4.82
N LEU B 230 12.48 25.31 5.66
CA LEU B 230 12.13 23.98 6.21
C LEU B 230 10.63 23.77 6.01
N VAL B 231 10.27 22.62 5.43
CA VAL B 231 8.86 22.18 5.27
C VAL B 231 8.73 20.86 6.02
N ILE B 232 7.68 20.75 6.83
CA ILE B 232 7.33 19.53 7.61
C ILE B 232 5.99 19.02 7.08
N VAL B 233 5.95 17.78 6.58
CA VAL B 233 4.70 17.10 6.14
C VAL B 233 4.47 15.95 7.12
N ASN B 234 3.36 16.00 7.86
CA ASN B 234 3.10 15.05 8.97
C ASN B 234 1.66 15.19 9.47
N LEU B 235 1.02 14.06 9.77
CA LEU B 235 -0.34 14.04 10.34
C LEU B 235 -0.32 14.53 11.80
N GLN B 236 0.68 14.12 12.60
CA GLN B 236 0.83 14.58 14.00
C GLN B 236 1.74 15.79 14.10
N PRO B 237 1.70 16.50 15.25
CA PRO B 237 2.76 17.44 15.60
C PRO B 237 4.11 16.73 15.59
N THR B 238 5.16 17.50 15.31
CA THR B 238 6.57 17.06 15.34
C THR B 238 7.34 17.95 16.29
N LYS B 239 8.49 17.48 16.76
CA LYS B 239 9.33 18.21 17.74
C LYS B 239 9.62 19.62 17.23
N HIS B 240 9.65 19.88 15.91
CA HIS B 240 10.22 21.12 15.33
C HIS B 240 9.18 21.95 14.56
N ASP B 241 7.88 21.76 14.82
CA ASP B 241 6.80 22.51 14.13
C ASP B 241 7.07 24.01 14.15
N ARG B 242 7.54 24.50 15.31
CA ARG B 242 7.90 25.92 15.58
C ARG B 242 8.87 26.47 14.53
N HIS B 243 9.83 25.65 14.08
CA HIS B 243 10.94 26.06 13.18
C HIS B 243 10.56 25.99 11.69
N ALA B 244 9.41 25.39 11.34
CA ALA B 244 8.98 25.18 9.93
C ALA B 244 8.50 26.49 9.30
N ASP B 245 8.92 26.76 8.08
CA ASP B 245 8.31 27.80 7.21
C ASP B 245 6.93 27.35 6.75
N LEU B 246 6.72 26.04 6.63
CA LEU B 246 5.46 25.47 6.07
C LEU B 246 5.20 24.11 6.72
N ARG B 247 4.00 23.95 7.29
CA ARG B 247 3.55 22.69 7.92
C ARG B 247 2.36 22.20 7.13
N ILE B 248 2.42 20.96 6.66
CA ILE B 248 1.33 20.37 5.83
C ILE B 248 0.82 19.14 6.57
N HIS B 249 -0.40 19.27 7.08
CA HIS B 249 -1.09 18.20 7.83
C HIS B 249 -1.97 17.44 6.84
N GLY B 250 -1.40 16.37 6.28
CA GLY B 250 -2.13 15.45 5.39
C GLY B 250 -1.35 14.18 5.12
N TYR B 251 -2.01 13.23 4.45
CA TYR B 251 -1.38 11.96 4.01
C TYR B 251 -0.27 12.29 3.01
N VAL B 252 0.94 11.81 3.29
CA VAL B 252 2.11 12.12 2.43
C VAL B 252 1.85 11.67 0.97
N ASP B 253 1.14 10.58 0.71
CA ASP B 253 0.88 10.19 -0.71
C ASP B 253 0.05 11.28 -1.40
N GLU B 254 -0.96 11.83 -0.73
CA GLU B 254 -1.84 12.87 -1.36
C GLU B 254 -0.99 14.12 -1.65
N VAL B 255 -0.17 14.50 -0.69
CA VAL B 255 0.70 15.70 -0.82
C VAL B 255 1.65 15.49 -2.01
N MET B 256 2.39 14.37 -2.02
CA MET B 256 3.44 14.11 -3.02
C MET B 256 2.79 13.94 -4.42
N THR B 257 1.63 13.31 -4.54
CA THR B 257 0.97 13.13 -5.86
C THR B 257 0.55 14.50 -6.40
N ARG B 258 -0.01 15.37 -5.56
CA ARG B 258 -0.42 16.75 -5.94
C ARG B 258 0.85 17.54 -6.28
N LEU B 259 1.93 17.40 -5.50
CA LEU B 259 3.20 18.12 -5.81
C LEU B 259 3.73 17.70 -7.19
N MET B 260 3.82 16.40 -7.46
CA MET B 260 4.33 15.89 -8.77
C MET B 260 3.48 16.47 -9.91
N LYS B 261 2.16 16.52 -9.71
CA LYS B 261 1.24 17.07 -10.74
C LYS B 261 1.61 18.54 -11.01
N HIS B 262 1.85 19.33 -9.97
CA HIS B 262 2.23 20.76 -10.11
C HIS B 262 3.58 20.84 -10.83
N LEU B 263 4.50 19.90 -10.57
CA LEU B 263 5.85 19.96 -11.18
C LEU B 263 5.83 19.40 -12.61
N GLY B 264 4.71 18.86 -13.07
CA GLY B 264 4.57 18.23 -14.41
C GLY B 264 5.35 16.95 -14.53
N LEU B 265 5.50 16.19 -13.44
CA LEU B 265 6.26 14.93 -13.39
C LEU B 265 5.31 13.75 -13.20
N GLU B 266 5.56 12.65 -13.90
CA GLU B 266 4.89 11.36 -13.66
C GLU B 266 5.57 10.65 -12.47
N ILE B 267 4.81 9.81 -11.78
CA ILE B 267 5.37 8.87 -10.78
C ILE B 267 5.71 7.57 -11.52
N PRO B 268 6.98 7.16 -11.53
CA PRO B 268 7.42 6.02 -12.35
C PRO B 268 6.87 4.69 -11.80
N ALA B 269 6.70 3.74 -12.72
CA ALA B 269 6.34 2.34 -12.41
C ALA B 269 7.48 1.70 -11.63
N TRP B 270 7.15 0.85 -10.66
CA TRP B 270 8.14 0.05 -9.89
C TRP B 270 8.34 -1.28 -10.60
N ASP B 271 9.59 -1.59 -10.99
CA ASP B 271 9.98 -2.81 -11.75
C ASP B 271 10.08 -4.03 -10.83
N GLY B 272 9.77 -3.89 -9.53
CA GLY B 272 10.10 -4.92 -8.52
C GLY B 272 11.45 -4.58 -7.89
N PRO B 273 11.91 -5.36 -6.89
CA PRO B 273 13.11 -5.01 -6.12
C PRO B 273 14.34 -4.91 -7.04
N ARG B 274 15.00 -3.76 -7.00
CA ARG B 274 16.19 -3.47 -7.83
C ARG B 274 17.12 -2.59 -7.02
N VAL B 275 18.43 -2.82 -7.09
CA VAL B 275 19.45 -2.06 -6.32
C VAL B 275 20.24 -1.23 -7.32
N LEU B 276 20.32 0.09 -7.11
CA LEU B 276 21.12 1.01 -7.94
C LEU B 276 22.17 1.64 -7.04
N GLU B 277 23.46 1.35 -7.26
CA GLU B 277 24.54 1.92 -6.42
C GLU B 277 24.71 3.41 -6.71
N ARG B 278 24.67 3.80 -7.98
CA ARG B 278 25.13 5.16 -8.36
C ARG B 278 24.06 5.86 -9.19
N ALA B 279 23.79 7.11 -8.80
CA ALA B 279 22.86 8.04 -9.48
C ALA B 279 23.23 8.08 -10.98
N LEU B 280 22.27 7.77 -11.85
CA LEU B 280 22.42 7.86 -13.33
C LEU B 280 22.43 9.34 -13.70
N PRO B 281 22.80 9.71 -14.96
CA PRO B 281 22.80 11.12 -15.34
C PRO B 281 21.40 11.74 -15.30
N PRO B 282 21.27 13.01 -14.90
CA PRO B 282 19.98 13.72 -14.80
C PRO B 282 19.09 13.73 -16.05
N LEU B 283 17.79 13.43 -15.89
CA LEU B 283 16.83 13.40 -17.05
C LEU B 283 16.31 14.80 -17.34
N PRO B 284 15.76 15.04 -18.55
CA PRO B 284 15.12 16.31 -18.87
C PRO B 284 13.95 16.56 -17.91
N ARG B 285 13.72 17.81 -17.52
CA ARG B 285 12.57 18.19 -16.66
C ARG B 285 11.81 19.36 -17.29
N PRO B 286 10.53 19.57 -16.91
CA PRO B 286 9.74 20.67 -17.45
C PRO B 286 10.39 22.03 -17.15
N PRO B 287 10.16 23.04 -17.99
CA PRO B 287 10.64 24.38 -17.70
C PRO B 287 9.87 24.92 -16.49
N THR B 288 10.50 25.85 -15.77
CA THR B 288 9.99 26.47 -14.51
C THR B 288 8.91 27.51 -14.80
N PRO B 289 7.81 27.56 -14.02
CA PRO B 289 6.88 28.69 -14.10
C PRO B 289 7.53 30.03 -13.73
N LYS B 290 6.99 31.13 -14.26
CA LYS B 290 7.25 32.49 -13.73
C LYS B 290 6.57 32.58 -12.36
N LEU B 291 7.32 32.92 -11.32
CA LEU B 291 6.78 32.96 -9.94
C LEU B 291 6.32 34.38 -9.58
N GLU B 292 7.06 35.42 -10.00
CA GLU B 292 6.69 36.86 -9.80
C GLU B 292 6.42 37.55 -11.14
N1 AR6 C . -3.55 -10.96 3.52
C2 AR6 C . -4.42 -11.93 3.86
N3 AR6 C . -5.52 -11.86 4.63
C4 AR6 C . -5.71 -10.60 5.08
C5 AR6 C . -4.89 -9.52 4.86
C6 AR6 C . -3.76 -9.71 4.03
N6 AR6 C . -2.92 -8.74 3.72
N7 AR6 C . -5.39 -8.40 5.51
C8 AR6 C . -6.48 -8.81 6.10
N9 AR6 C . -6.71 -10.16 5.89
PA AR6 C . -13.44 -9.07 7.09
PB AR6 C . -14.95 -8.93 4.59
C1' AR6 C . -7.86 -10.94 6.30
O1A AR6 C . -14.57 -9.85 7.68
O1B AR6 C . -14.65 -8.30 3.26
C1D AR6 C . -18.54 -5.73 6.51
O1D AR6 C . -19.59 -5.37 7.39
C2' AR6 C . -8.34 -10.89 7.74
O2' AR6 C . -7.71 -11.91 8.47
O2A AR6 C . -12.69 -8.02 7.82
O2B AR6 C . -15.00 -10.40 4.67
C2D AR6 C . -18.63 -4.99 5.15
O2D AR6 C . -19.96 -4.79 4.71
C3' AR6 C . -9.86 -11.10 7.62
O3' AR6 C . -10.30 -12.39 8.02
O3A AR6 C . -13.92 -8.37 5.71
C3D AR6 C . -17.86 -5.93 4.23
O3D AR6 C . -18.08 -5.77 2.82
C4' AR6 C . -10.18 -10.85 6.14
O4' AR6 C . -8.93 -10.48 5.51
C4D AR6 C . -18.40 -7.27 4.74
O4D AR6 C . -18.62 -7.11 6.17
C5' AR6 C . -11.17 -9.74 5.90
O5' AR6 C . -12.39 -10.13 6.55
C5D AR6 C . -17.52 -8.48 4.53
O5D AR6 C . -16.25 -8.24 5.20
ZN ZN D . -31.15 9.50 -15.15
C10 QTI E . -14.34 0.18 3.47
C15 QTI E . -17.19 1.51 6.89
C20 QTI E . -23.10 -0.37 6.20
C21 QTI E . -23.70 -1.52 5.67
C22 QTI E . -22.89 -2.66 5.57
C24 QTI E . -23.30 -3.92 5.05
C26 QTI E . -24.47 -5.19 3.30
C28 QTI E . -23.41 -6.38 5.11
N01 QTI E . -13.92 -3.39 2.32
S02 QTI E . -13.21 -1.87 2.01
O03 QTI E . -13.99 -1.19 0.82
O04 QTI E . -11.66 -2.00 1.69
C05 QTI E . -13.42 -0.88 3.47
C06 QTI E . -12.67 -1.19 4.64
C07 QTI E . -12.83 -0.40 5.81
C08 QTI E . -13.75 0.67 5.80
C09 QTI E . -14.52 0.96 4.64
S11 QTI E . -15.69 2.29 4.70
O12 QTI E . -15.01 3.42 5.63
O13 QTI E . -15.92 2.83 3.25
N14 QTI E . -17.23 1.77 5.42
C16 QTI E . -18.64 1.50 7.41
N17 QTI E . -19.51 0.54 6.61
C18 QTI E . -20.90 0.54 7.15
C19 QTI E . -21.76 -0.50 6.56
S23 QTI E . -21.31 -2.16 6.20
C25 QTI E . -24.05 -3.97 3.86
C27 QTI E . -24.16 -6.40 3.93
C29 QTI E . -22.98 -5.17 5.68
F30 QTI E . -22.28 -5.23 6.79
C31 QTI E . -19.49 0.83 5.14
C32 QTI E . -18.05 0.86 4.57
S SO4 F . -4.61 -26.18 6.93
O1 SO4 F . -5.88 -25.51 7.07
O2 SO4 F . -4.67 -27.43 7.63
O3 SO4 F . -3.57 -25.36 7.46
O4 SO4 F . -4.35 -26.44 5.53
S SO4 G . -27.79 -17.21 0.96
O1 SO4 G . -28.51 -16.87 -0.24
O2 SO4 G . -28.57 -18.17 1.71
O3 SO4 G . -26.51 -17.78 0.62
O4 SO4 G . -27.60 -16.02 1.75
S SO4 H . -20.96 14.93 -2.54
O1 SO4 H . -21.82 15.70 -3.40
O2 SO4 H . -20.83 13.57 -3.07
O3 SO4 H . -21.54 14.89 -1.22
O4 SO4 H . -19.66 15.54 -2.48
S SO4 I . -26.60 -25.71 -10.04
O1 SO4 I . -26.72 -25.01 -11.30
O2 SO4 I . -27.91 -26.11 -9.58
O3 SO4 I . -25.78 -26.88 -10.22
O4 SO4 I . -25.99 -24.84 -9.07
CL CL J . -5.92 -6.38 -22.29
CL CL K . -11.44 9.34 2.10
CL CL L . -24.07 3.06 5.50
C1 PEG M . -8.88 9.07 5.79
O1 PEG M . -9.14 10.29 6.48
C2 PEG M . -10.12 8.51 5.15
O2 PEG M . -11.17 8.50 6.11
C3 PEG M . -12.40 8.04 5.59
C4 PEG M . -13.41 7.88 6.70
O4 PEG M . -14.48 7.04 6.35
N1 AR6 N . 1.11 10.63 6.01
C2 AR6 N . 1.61 11.56 6.85
N3 AR6 N . 2.10 11.42 8.07
C4 AR6 N . 2.05 10.12 8.44
C5 AR6 N . 1.54 9.07 7.72
C6 AR6 N . 1.04 9.35 6.43
N6 AR6 N . 0.54 8.42 5.61
N7 AR6 N . 1.63 7.90 8.46
C8 AR6 N . 2.19 8.25 9.59
N9 AR6 N . 2.44 9.61 9.64
PA AR6 N . 7.36 8.14 14.16
PB AR6 N . 9.99 8.21 12.95
C1' AR6 N . 3.14 10.33 10.64
O1A AR6 N . 7.95 8.76 15.38
O1B AR6 N . 10.49 7.69 11.63
C1D AR6 N . 12.12 4.75 16.20
O1D AR6 N . 12.64 4.36 17.43
C2' AR6 N . 2.70 10.11 12.09
O2' AR6 N . 1.75 11.11 12.40
O2A AR6 N . 6.31 7.08 14.27
O2B AR6 N . 9.94 9.68 13.14
C2D AR6 N . 12.99 4.14 15.10
O2D AR6 N . 14.35 4.17 15.41
C3' AR6 N . 4.02 10.21 12.87
O3' AR6 N . 4.14 11.43 13.60
O3A AR6 N . 8.55 7.56 13.24
C3D AR6 N . 12.72 5.11 13.96
O3D AR6 N . 13.68 5.00 12.90
C4' AR6 N . 5.13 10.12 11.80
O4' AR6 N . 4.47 9.88 10.55
C4D AR6 N . 12.85 6.43 14.74
O4D AR6 N . 12.21 6.16 16.01
C5' AR6 N . 6.15 9.03 12.02
O5' AR6 N . 6.82 9.32 13.26
C5D AR6 N . 12.23 7.65 14.12
O5D AR6 N . 10.79 7.50 14.13
ZN ZN O . 34.86 -8.96 4.18
C10 QTI P . 10.33 -0.76 10.92
C15 QTI P . 10.93 -2.44 15.20
C20 QTI P . 16.18 -0.74 18.01
C21 QTI P . 16.91 0.46 17.98
C22 QTI P . 16.27 1.64 17.60
C24 QTI P . 16.91 2.92 17.49
C26 QTI P . 18.91 4.17 16.67
C28 QTI P . 17.15 5.37 17.81
N01 QTI P . 10.42 2.91 10.01
S02 QTI P . 10.18 1.42 9.24
O03 QTI P . 11.58 0.95 8.66
O04 QTI P . 9.04 1.54 8.09
C05 QTI P . 9.55 0.33 10.49
C06 QTI P . 8.29 0.60 11.07
C07 QTI P . 7.78 -0.28 12.06
C08 QTI P . 8.57 -1.36 12.49
C09 QTI P . 9.84 -1.61 11.92
S11 QTI P . 10.79 -2.99 12.51
O12 QTI P . 9.71 -4.15 12.81
O13 QTI P . 11.84 -3.49 11.43
N14 QTI P . 11.71 -2.52 13.94
C16 QTI P . 11.90 -2.63 16.37
N17 QTI P . 13.04 -1.67 16.29
C18 QTI P . 13.85 -1.69 17.56
C19 QTI P . 14.84 -0.61 17.63
S23 QTI P . 14.62 1.10 17.24
C25 QTI P . 18.17 2.98 16.84
C27 QTI P . 18.40 5.37 17.16
C29 QTI P . 16.42 4.17 17.99
F30 QTI P . 15.27 4.27 18.60
C31 QTI P . 13.85 -1.91 15.03
C32 QTI P . 12.98 -1.74 13.76
S SO4 Q . -3.34 -0.45 11.74
O1 SO4 Q . -4.35 -0.99 10.84
O2 SO4 Q . -3.92 -0.34 13.04
O3 SO4 Q . -2.23 -1.36 11.81
O4 SO4 Q . -2.89 0.82 11.29
S SO4 R . -0.29 25.29 10.63
O1 SO4 R . -1.69 25.61 10.71
O2 SO4 R . -0.04 24.56 9.42
O3 SO4 R . 0.11 24.49 11.75
O4 SO4 R . 0.48 26.51 10.61
S SO4 S . 3.22 0.64 -10.51
O1 SO4 S . 2.60 1.94 -10.59
O2 SO4 S . 2.23 -0.34 -10.19
O3 SO4 S . 3.84 0.34 -11.78
O4 SO4 S . 4.23 0.67 -9.48
S SO4 T . 22.43 16.41 17.78
O1 SO4 T . 21.35 16.99 17.01
O2 SO4 T . 21.96 15.21 18.43
O3 SO4 T . 23.53 16.08 16.89
O4 SO4 T . 22.89 17.35 18.77
S SO4 U . 19.42 -15.02 8.38
O1 SO4 U . 19.94 -16.07 7.56
O2 SO4 U . 17.99 -15.19 8.48
O3 SO4 U . 19.73 -13.73 7.79
O4 SO4 U . 20.01 -15.09 9.70
CL CL V . 17.67 8.18 -14.52
#